data_6Y7K
#
_entry.id   6Y7K
#
_cell.length_a   108.888
_cell.length_b   41.670
_cell.length_c   30.190
_cell.angle_alpha   90.000
_cell.angle_beta   102.580
_cell.angle_gamma   90.000
#
_symmetry.space_group_name_H-M   'C 1 2 1'
#
loop_
_entity.id
_entity.type
_entity.pdbx_description
1 polymer 'Bromodomain-containing protein 9'
2 non-polymer ~{N}-cyclobutyl-3-(6-ethanoylpyrrolo[1,2-a]pyrimidin-8-yl)-4-methoxy-benzamide
3 non-polymer 1,2-ETHANEDIOL
4 non-polymer 'SODIUM ION'
5 water water
#
_entity_poly.entity_id   1
_entity_poly.type   'polypeptide(L)'
_entity_poly.pdbx_seq_one_letter_code
;LKLSAENESTPIQQLLEHFLRQLQRKDPHGFFAFPVTDAIAPGYSMIIKHPMDFGTMKDKIVANEYKSVTEFKADFKLMC
DNAMTYNRPDTVYYKLAKKILHAGFKMMSKERLLALKRSMS
;
_entity_poly.pdbx_strand_id   A
#
loop_
_chem_comp.id
_chem_comp.type
_chem_comp.name
_chem_comp.formula
EDO non-polymer 1,2-ETHANEDIOL 'C2 H6 O2'
NA non-polymer 'SODIUM ION' 'Na 1'
OEZ non-polymer ~{N}-cyclobutyl-3-(6-ethanoylpyrrolo[1,2-a]pyrimidin-8-yl)-4-methoxy-benzamide 'C21 H21 N3 O3'
#
# COMPACT_ATOMS: atom_id res chain seq x y z
N GLU A 8 17.03 14.37 7.86
CA GLU A 8 16.33 14.19 9.17
C GLU A 8 15.14 13.19 9.01
N SER A 9 15.09 12.17 9.82
CA SER A 9 13.94 11.19 9.78
C SER A 9 13.55 10.86 11.20
N THR A 10 12.47 10.12 11.31
CA THR A 10 11.88 9.81 12.58
C THR A 10 11.66 8.30 12.63
N PRO A 11 11.40 7.76 13.83
CA PRO A 11 11.09 6.32 13.95
C PRO A 11 9.88 5.90 13.08
N ILE A 12 8.76 6.64 13.14
CA ILE A 12 7.61 6.22 12.32
C ILE A 12 7.92 6.25 10.83
N GLN A 13 8.65 7.27 10.35
CA GLN A 13 8.98 7.28 8.92
C GLN A 13 9.84 6.06 8.54
N GLN A 14 10.82 5.67 9.36
CA GLN A 14 11.64 4.50 9.07
C GLN A 14 10.82 3.20 9.06
N LEU A 15 9.87 3.10 9.99
CA LEU A 15 8.99 1.92 10.00
C LEU A 15 8.11 1.84 8.73
N LEU A 16 7.48 2.97 8.39
CA LEU A 16 6.63 2.99 7.16
C LEU A 16 7.45 2.73 5.90
N GLU A 17 8.66 3.31 5.81
CA GLU A 17 9.55 3.02 4.68
C GLU A 17 9.86 1.53 4.57
N HIS A 18 10.05 0.85 5.70
CA HIS A 18 10.29 -0.60 5.69
C HIS A 18 9.09 -1.36 5.15
N PHE A 19 7.89 -1.06 5.66
CA PHE A 19 6.69 -1.77 5.13
C PHE A 19 6.54 -1.49 3.61
N LEU A 20 6.68 -0.21 3.19
CA LEU A 20 6.54 0.12 1.77
C LEU A 20 7.55 -0.68 0.90
N ARG A 21 8.83 -0.71 1.33
CA ARG A 21 9.87 -1.45 0.59
C ARG A 21 9.48 -2.93 0.45
N GLN A 22 9.06 -3.54 1.56
CA GLN A 22 8.69 -4.98 1.51
C GLN A 22 7.53 -5.23 0.53
N LEU A 23 6.54 -4.35 0.53
CA LEU A 23 5.36 -4.48 -0.37
C LEU A 23 5.75 -4.26 -1.85
N GLN A 24 6.59 -3.24 -2.11
CA GLN A 24 7.04 -2.99 -3.50
CA GLN A 24 6.97 -2.92 -3.49
C GLN A 24 7.85 -4.05 -4.11
N ARG A 25 8.53 -4.83 -3.29
CA ARG A 25 9.26 -6.07 -3.78
C ARG A 25 8.35 -7.04 -4.48
N LYS A 26 7.08 -7.04 -4.10
CA LYS A 26 6.09 -7.96 -4.72
C LYS A 26 5.60 -7.42 -6.10
N ASP A 27 6.04 -6.22 -6.49
CA ASP A 27 5.62 -5.58 -7.76
C ASP A 27 6.87 -5.23 -8.57
N PRO A 28 7.64 -6.28 -9.01
CA PRO A 28 8.92 -5.96 -9.74
C PRO A 28 8.81 -5.17 -11.04
N HIS A 29 7.65 -5.24 -11.70
CA HIS A 29 7.43 -4.55 -12.96
C HIS A 29 6.86 -3.14 -12.81
N GLY A 30 6.57 -2.71 -11.57
CA GLY A 30 6.13 -1.33 -11.32
C GLY A 30 4.72 -0.98 -11.76
N PHE A 31 3.82 -2.00 -11.76
CA PHE A 31 2.43 -1.70 -12.11
C PHE A 31 1.75 -0.75 -11.10
N PHE A 32 2.22 -0.79 -9.84
CA PHE A 32 1.67 0.03 -8.73
C PHE A 32 2.56 1.20 -8.37
N ALA A 33 3.62 1.48 -9.21
CA ALA A 33 4.67 2.43 -8.80
C ALA A 33 4.28 3.92 -8.97
N PHE A 34 3.33 4.20 -9.89
CA PHE A 34 2.95 5.62 -10.20
CA PHE A 34 3.00 5.54 -10.37
C PHE A 34 1.49 5.60 -10.62
N PRO A 35 0.86 6.81 -10.74
CA PRO A 35 -0.58 6.86 -11.02
C PRO A 35 -0.92 6.23 -12.36
N VAL A 36 -2.08 5.55 -12.39
CA VAL A 36 -2.64 4.98 -13.65
C VAL A 36 -3.23 6.08 -14.55
N THR A 37 -2.87 6.09 -15.84
CA THR A 37 -3.49 7.05 -16.75
CA THR A 37 -3.30 7.04 -16.91
C THR A 37 -4.55 6.40 -17.60
N ASP A 38 -5.56 7.22 -17.98
CA ASP A 38 -6.65 6.74 -18.84
C ASP A 38 -6.14 6.20 -20.17
N ALA A 39 -5.03 6.70 -20.67
CA ALA A 39 -4.50 6.19 -21.95
C ALA A 39 -4.13 4.69 -21.91
N ILE A 40 -3.69 4.17 -20.76
CA ILE A 40 -3.36 2.72 -20.65
C ILE A 40 -4.49 1.90 -20.09
N ALA A 41 -5.48 2.58 -19.45
CA ALA A 41 -6.59 1.95 -18.70
C ALA A 41 -7.87 2.73 -19.07
N PRO A 42 -8.53 2.41 -20.23
CA PRO A 42 -9.66 3.24 -20.65
C PRO A 42 -10.72 3.38 -19.58
N GLY A 43 -11.23 4.63 -19.43
CA GLY A 43 -12.28 4.93 -18.49
C GLY A 43 -11.85 5.01 -17.02
N TYR A 44 -10.56 4.89 -16.73
CA TYR A 44 -10.13 4.74 -15.34
C TYR A 44 -10.65 5.86 -14.43
N SER A 45 -10.43 7.11 -14.85
CA SER A 45 -10.73 8.28 -14.02
C SER A 45 -12.20 8.47 -13.82
N MET A 46 -13.05 7.85 -14.62
CA MET A 46 -14.49 7.85 -14.39
C MET A 46 -14.91 6.81 -13.36
N ILE A 47 -14.31 5.63 -13.41
CA ILE A 47 -14.66 4.51 -12.54
C ILE A 47 -14.07 4.63 -11.11
N ILE A 48 -12.82 5.04 -11.05
CA ILE A 48 -12.06 5.13 -9.81
C ILE A 48 -11.97 6.60 -9.40
N LYS A 49 -12.70 6.96 -8.32
CA LYS A 49 -12.77 8.37 -7.86
CA LYS A 49 -12.78 8.37 -7.86
C LYS A 49 -11.63 8.84 -7.00
N HIS A 50 -10.94 7.90 -6.35
CA HIS A 50 -9.88 8.23 -5.37
C HIS A 50 -8.63 7.37 -5.68
N PRO A 51 -7.83 7.79 -6.69
CA PRO A 51 -6.64 7.01 -7.10
CA PRO A 51 -6.67 6.94 -7.08
C PRO A 51 -5.59 6.94 -5.98
N MET A 52 -4.78 5.87 -5.99
CA MET A 52 -3.63 5.76 -5.07
C MET A 52 -2.57 4.85 -5.68
N ASP A 53 -1.31 5.03 -5.32
CA ASP A 53 -0.17 4.28 -5.87
C ASP A 53 0.99 4.36 -4.87
N PHE A 54 1.98 3.45 -5.02
CA PHE A 54 3.11 3.42 -4.11
C PHE A 54 3.99 4.69 -4.13
N GLY A 55 4.11 5.35 -5.32
CA GLY A 55 4.91 6.57 -5.39
C GLY A 55 4.29 7.72 -4.60
N THR A 56 2.98 7.86 -4.66
CA THR A 56 2.24 8.84 -3.85
C THR A 56 2.44 8.53 -2.37
N MET A 57 2.37 7.24 -1.99
CA MET A 57 2.59 6.85 -0.57
C MET A 57 4.01 7.19 -0.10
N LYS A 58 5.03 6.93 -0.94
CA LYS A 58 6.39 7.33 -0.58
C LYS A 58 6.48 8.84 -0.36
N ASP A 59 5.92 9.61 -1.25
CA ASP A 59 5.95 11.08 -1.07
C ASP A 59 5.29 11.53 0.26
N LYS A 60 4.16 10.88 0.62
CA LYS A 60 3.47 11.20 1.89
C LYS A 60 4.33 10.82 3.08
N ILE A 61 5.05 9.71 3.01
CA ILE A 61 5.98 9.38 4.10
C ILE A 61 7.04 10.47 4.28
N VAL A 62 7.62 10.90 3.18
CA VAL A 62 8.69 11.93 3.19
C VAL A 62 8.17 13.24 3.75
N ALA A 63 6.93 13.61 3.42
CA ALA A 63 6.32 14.82 3.94
C ALA A 63 5.71 14.63 5.41
N ASN A 64 5.89 13.48 6.01
CA ASN A 64 5.43 13.20 7.35
C ASN A 64 3.91 13.37 7.47
N GLU A 65 3.18 12.96 6.41
CA GLU A 65 1.68 13.12 6.36
C GLU A 65 0.91 11.94 7.00
N TYR A 66 1.56 10.85 7.40
CA TYR A 66 0.90 9.74 8.08
C TYR A 66 1.11 9.92 9.61
N LYS A 67 0.04 10.06 10.35
CA LYS A 67 0.11 10.08 11.85
C LYS A 67 0.34 8.77 12.48
N SER A 68 -0.01 7.72 11.75
CA SER A 68 -0.09 6.36 12.29
C SER A 68 0.04 5.32 11.20
N VAL A 69 0.34 4.08 11.62
CA VAL A 69 0.30 2.94 10.70
C VAL A 69 -1.13 2.73 10.18
N THR A 70 -2.17 2.99 11.00
CA THR A 70 -3.53 2.89 10.51
C THR A 70 -3.77 3.77 9.27
N GLU A 71 -3.28 5.01 9.27
CA GLU A 71 -3.44 5.89 8.13
C GLU A 71 -2.69 5.37 6.91
N PHE A 72 -1.46 4.83 7.10
CA PHE A 72 -0.71 4.24 5.97
C PHE A 72 -1.48 3.04 5.35
N LYS A 73 -1.99 2.15 6.26
CA LYS A 73 -2.77 1.00 5.81
C LYS A 73 -3.99 1.41 4.99
N ALA A 74 -4.67 2.54 5.38
CA ALA A 74 -5.85 2.98 4.64
C ALA A 74 -5.54 3.36 3.16
N ASP A 75 -4.37 4.00 2.93
CA ASP A 75 -3.98 4.30 1.54
C ASP A 75 -3.60 2.99 0.78
N PHE A 76 -2.87 2.09 1.45
CA PHE A 76 -2.48 0.81 0.85
C PHE A 76 -3.73 0.01 0.42
N LYS A 77 -4.70 -0.09 1.32
CA LYS A 77 -5.94 -0.83 1.03
C LYS A 77 -6.74 -0.16 -0.11
N LEU A 78 -6.81 1.17 -0.12
CA LEU A 78 -7.47 1.87 -1.21
C LEU A 78 -6.86 1.51 -2.59
N MET A 79 -5.49 1.54 -2.63
CA MET A 79 -4.77 1.20 -3.87
C MET A 79 -5.20 -0.20 -4.38
N CYS A 80 -5.17 -1.19 -3.45
CA CYS A 80 -5.49 -2.57 -3.85
C CYS A 80 -6.99 -2.72 -4.26
N ASP A 81 -7.89 -2.08 -3.47
CA ASP A 81 -9.31 -2.13 -3.77
C ASP A 81 -9.62 -1.51 -5.16
N ASN A 82 -8.96 -0.39 -5.47
CA ASN A 82 -9.18 0.22 -6.78
C ASN A 82 -8.85 -0.79 -7.91
N ALA A 83 -7.71 -1.49 -7.76
CA ALA A 83 -7.31 -2.44 -8.80
C ALA A 83 -8.28 -3.63 -8.90
N MET A 84 -8.79 -4.11 -7.73
CA MET A 84 -9.77 -5.22 -7.75
C MET A 84 -11.14 -4.82 -8.28
N THR A 85 -11.47 -3.52 -8.24
CA THR A 85 -12.73 -2.98 -8.76
C THR A 85 -12.68 -2.69 -10.26
N TYR A 86 -11.61 -2.01 -10.71
CA TYR A 86 -11.50 -1.58 -12.11
C TYR A 86 -11.21 -2.75 -13.07
N ASN A 87 -10.25 -3.62 -12.68
CA ASN A 87 -9.75 -4.69 -13.58
C ASN A 87 -10.62 -5.96 -13.47
N ARG A 88 -10.82 -6.62 -14.61
CA ARG A 88 -11.55 -7.88 -14.62
C ARG A 88 -10.71 -9.02 -13.97
N PRO A 89 -11.36 -10.10 -13.49
CA PRO A 89 -10.61 -11.08 -12.65
C PRO A 89 -9.53 -11.90 -13.34
N ASP A 90 -9.61 -12.04 -14.66
CA ASP A 90 -8.57 -12.83 -15.37
C ASP A 90 -7.32 -11.98 -15.72
N THR A 91 -7.26 -10.67 -15.38
CA THR A 91 -6.14 -9.78 -15.73
C THR A 91 -5.00 -9.89 -14.73
N VAL A 92 -3.77 -9.56 -15.22
CA VAL A 92 -2.59 -9.59 -14.35
C VAL A 92 -2.73 -8.57 -13.23
N TYR A 93 -3.40 -7.43 -13.48
CA TYR A 93 -3.47 -6.36 -12.48
C TYR A 93 -4.39 -6.78 -11.30
N TYR A 94 -5.54 -7.40 -11.63
CA TYR A 94 -6.44 -7.96 -10.60
C TYR A 94 -5.71 -8.97 -9.73
N LYS A 95 -5.04 -9.93 -10.41
CA LYS A 95 -4.36 -11.02 -9.67
CA LYS A 95 -4.37 -11.03 -9.72
C LYS A 95 -3.23 -10.54 -8.81
N LEU A 96 -2.44 -9.58 -9.32
CA LEU A 96 -1.34 -9.03 -8.55
C LEU A 96 -1.86 -8.22 -7.33
N ALA A 97 -2.94 -7.47 -7.52
CA ALA A 97 -3.53 -6.74 -6.41
C ALA A 97 -3.89 -7.68 -5.25
N LYS A 98 -4.46 -8.86 -5.57
CA LYS A 98 -4.81 -9.82 -4.50
CA LYS A 98 -4.78 -9.83 -4.49
C LYS A 98 -3.54 -10.33 -3.77
N LYS A 99 -2.48 -10.65 -4.52
CA LYS A 99 -1.21 -11.13 -3.92
C LYS A 99 -0.60 -10.08 -2.97
N ILE A 100 -0.57 -8.82 -3.44
CA ILE A 100 0.02 -7.72 -2.66
C ILE A 100 -0.85 -7.48 -1.37
N LEU A 101 -2.17 -7.45 -1.56
CA LEU A 101 -3.08 -7.18 -0.42
C LEU A 101 -2.96 -8.26 0.65
N HIS A 102 -2.90 -9.55 0.23
CA HIS A 102 -2.72 -10.67 1.16
C HIS A 102 -1.42 -10.49 1.97
N ALA A 103 -0.31 -10.12 1.29
CA ALA A 103 0.94 -9.88 1.94
C ALA A 103 0.85 -8.76 2.97
N GLY A 104 0.14 -7.66 2.58
CA GLY A 104 -0.01 -6.55 3.52
C GLY A 104 -0.85 -6.87 4.74
N PHE A 105 -1.93 -7.69 4.55
CA PHE A 105 -2.78 -8.10 5.70
C PHE A 105 -1.87 -8.76 6.72
N LYS A 106 -1.03 -9.73 6.28
CA LYS A 106 -0.22 -10.44 7.25
CA LYS A 106 -0.08 -10.54 7.12
C LYS A 106 0.90 -9.58 7.87
N MET A 107 1.48 -8.69 7.08
CA MET A 107 2.57 -7.86 7.55
C MET A 107 2.16 -6.80 8.58
N MET A 108 0.91 -6.28 8.44
CA MET A 108 0.46 -5.08 9.16
C MET A 108 -0.81 -5.32 10.01
N SER A 109 -1.09 -6.59 10.29
CA SER A 109 -2.29 -6.91 11.09
C SER A 109 -2.17 -6.30 12.51
N LYS A 110 -3.34 -6.07 13.13
CA LYS A 110 -3.40 -5.59 14.50
C LYS A 110 -2.54 -6.39 15.52
N GLU A 111 -2.58 -7.67 15.32
CA GLU A 111 -1.83 -8.62 16.17
C GLU A 111 -0.31 -8.46 16.02
N ARG A 112 0.16 -8.32 14.76
CA ARG A 112 1.58 -8.14 14.54
CA ARG A 112 1.56 -8.07 14.41
C ARG A 112 2.06 -6.83 15.11
N LEU A 113 1.24 -5.77 14.95
CA LEU A 113 1.56 -4.49 15.49
C LEU A 113 1.62 -4.53 17.05
N LEU A 114 0.68 -5.20 17.69
CA LEU A 114 0.65 -5.40 19.16
CA LEU A 114 0.74 -5.19 19.16
C LEU A 114 2.02 -5.84 19.71
N ALA A 115 2.46 -6.94 19.10
CA ALA A 115 3.74 -7.46 19.46
C ALA A 115 4.91 -6.51 19.22
N LEU A 116 4.96 -5.86 18.03
CA LEU A 116 5.91 -4.79 17.81
C LEU A 116 5.93 -3.74 18.95
N LYS A 117 4.75 -3.30 19.36
CA LYS A 117 4.64 -2.33 20.47
C LYS A 117 5.25 -2.89 21.78
N ARG A 118 4.82 -4.05 22.18
N ARG A 118 5.12 -4.21 21.91
CA ARG A 118 5.34 -4.57 23.45
CA ARG A 118 5.79 -4.99 22.99
C ARG A 118 6.87 -4.55 23.42
C ARG A 118 7.32 -5.22 22.76
N SER A 119 7.47 -4.92 22.29
N SER A 119 7.82 -5.38 21.55
CA SER A 119 8.93 -5.01 22.18
CA SER A 119 9.25 -5.21 21.42
C SER A 119 9.57 -3.66 22.12
C SER A 119 9.86 -3.76 21.49
N MET A 120 8.80 -2.76 21.51
N MET A 120 9.04 -2.72 21.85
CA MET A 120 9.14 -1.39 21.42
CA MET A 120 9.45 -1.28 21.79
C MET A 120 9.13 -0.68 22.83
C MET A 120 9.10 -0.39 23.01
N SER A 121 8.80 -1.33 23.98
N SER A 121 8.71 -0.94 24.09
CA SER A 121 8.25 -0.51 25.20
CA SER A 121 9.03 -1.83 25.27
C SER A 121 9.28 0.13 26.20
C SER A 121 10.47 -2.17 25.74
CAM OEZ B . 2.48 -5.40 -18.86
CAN OEZ B . 1.96 -5.34 -20.33
CAO OEZ B . 2.11 -3.91 -20.36
CAL OEZ B . 2.73 -3.91 -19.11
NAK OEZ B . 2.19 -2.94 -18.21
CAJ OEZ B . 2.88 -1.86 -17.71
OAP OEZ B . 4.07 -1.72 -18.03
CAI OEZ B . 2.21 -0.95 -16.79
CAH OEZ B . 0.86 -1.13 -16.41
CAQ OEZ B . 2.94 0.14 -16.26
CAR OEZ B . 2.36 0.97 -15.35
CAS OEZ B . 1.05 0.84 -14.98
OAT OEZ B . 0.39 1.70 -14.14
CAU OEZ B . 1.15 2.73 -13.50
CAG OEZ B . 0.28 -0.26 -15.49
CAF OEZ B . -1.10 -0.52 -15.03
CAE OEZ B . -1.52 -0.54 -13.67
CAV OEZ B . -2.25 -0.82 -15.77
NAW OEZ B . -2.39 -0.96 -17.13
CAX OEZ B . -3.62 -1.27 -17.60
CAY OEZ B . -4.74 -1.47 -16.76
CAZ OEZ B . -4.57 -1.35 -15.39
NBA OEZ B . -3.32 -1.00 -14.89
CAD OEZ B . -2.88 -0.82 -13.57
CAB OEZ B . -3.68 -0.87 -12.39
OAA OEZ B . -4.95 -1.03 -12.40
CAC OEZ B . -2.94 -0.74 -11.03
C1 EDO C . -4.82 -3.19 5.65
O1 EDO C . -5.88 -2.54 5.65
C2 EDO C . -3.57 -3.46 5.21
O2 EDO C . -3.24 -4.02 5.48
C1 EDO D . -0.97 -17.23 4.39
O1 EDO D . -0.76 -18.20 5.41
C2 EDO D . -0.26 -17.51 3.11
O2 EDO D . 0.80 -16.65 2.74
NA NA E . -11.65 5.05 -5.44
NA NA F . 8.06 -7.03 7.78
#